data_5EC0
#
_entry.id   5EC0
#
_cell.length_a   50.865
_cell.length_b   76.153
_cell.length_c   112.323
_cell.angle_alpha   90.000
_cell.angle_beta   90.000
_cell.angle_gamma   90.000
#
_symmetry.space_group_name_H-M   'P 21 21 21'
#
loop_
_entity.id
_entity.type
_entity.pdbx_description
1 polymer Alp7A
2 non-polymer GLYCEROL
3 non-polymer "ADENOSINE-5'-DIPHOSPHATE"
4 non-polymer 'MAGNESIUM ION'
5 water water
#
_entity_poly.entity_id   1
_entity_poly.type   'polypeptide(L)'
_entity_poly.pdbx_seq_one_letter_code
;MNISRMNVDFGNSMYMNLIDGYFFELPTNVVEISKEAAEGKFTSIVEDPADLKDRLLVSTVIDETERYFLVGELAEPEVL
GNQHIKKLHNKVESHIPYVTFLAATAYYQALKGKREDNEVTIEYFQTMLPIWLLKKLDKFSEMQKRMASKFLGTHQVKVL
TLGLEKELTIKVEDAACRIESEVARWAIKKNFDLEDKDYAEQFKNYDVVFCDLGGGTDDLVLLPAGLKPPKSRDSFVSNT
APFLAHLEKLRKEKLLEHFDSVRELEKFIYSNIGKTKMERRDGNTGQKFDLTDIIKKSLKEYTEIKIAQAENTFPAPKDK
VYKYLYFGGVGEVLEESISVVTEERYGRDISESNHIVAEDARLLNLYGLEVLSRAEQVKKQANEKEAQ
;
_entity_poly.pdbx_strand_id   A
#
# COMPACT_ATOMS: atom_id res chain seq x y z
N MET A 1 -8.50 -25.03 0.25
CA MET A 1 -9.15 -23.75 -0.06
C MET A 1 -8.63 -23.19 -1.38
N ASN A 2 -9.56 -22.75 -2.23
CA ASN A 2 -9.17 -22.14 -3.49
C ASN A 2 -9.45 -20.64 -3.56
N ILE A 3 -8.41 -19.87 -3.90
CA ILE A 3 -8.48 -18.42 -4.06
C ILE A 3 -8.31 -18.02 -5.53
N SER A 4 -9.22 -17.21 -6.06
CA SER A 4 -9.17 -16.85 -7.47
C SER A 4 -8.20 -15.71 -7.75
N ARG A 5 -8.27 -14.66 -6.95
CA ARG A 5 -7.46 -13.46 -7.15
C ARG A 5 -6.84 -13.00 -5.84
N MET A 6 -5.53 -12.81 -5.83
CA MET A 6 -4.92 -12.19 -4.66
C MET A 6 -3.97 -11.07 -5.09
N ASN A 7 -4.28 -9.88 -4.61
CA ASN A 7 -3.57 -8.66 -4.95
C ASN A 7 -2.93 -8.03 -3.73
N VAL A 8 -1.65 -7.73 -3.82
CA VAL A 8 -0.90 -7.32 -2.63
C VAL A 8 -0.15 -6.02 -2.90
N ASP A 9 -0.31 -5.07 -1.99
CA ASP A 9 0.46 -3.84 -1.93
C ASP A 9 1.42 -3.98 -0.75
N PHE A 10 2.70 -4.23 -1.02
CA PHE A 10 3.69 -4.24 0.06
C PHE A 10 4.13 -2.80 0.38
N GLY A 11 3.31 -2.08 1.12
CA GLY A 11 3.63 -0.70 1.47
C GLY A 11 4.76 -0.62 2.48
N ASN A 12 5.25 0.59 2.72
CA ASN A 12 6.26 0.82 3.74
C ASN A 12 5.59 0.92 5.12
N SER A 13 4.32 1.34 5.13
CA SER A 13 3.58 1.56 6.36
C SER A 13 2.65 0.38 6.66
N MET A 14 1.90 -0.02 5.64
CA MET A 14 0.98 -1.13 5.75
C MET A 14 1.16 -2.10 4.57
N TYR A 15 1.18 -3.39 4.87
CA TYR A 15 0.87 -4.45 3.93
C TYR A 15 -0.65 -4.44 3.72
N MET A 16 -1.10 -4.40 2.46
CA MET A 16 -2.54 -4.41 2.19
C MET A 16 -2.81 -5.40 1.10
N ASN A 17 -3.94 -6.09 1.17
CA ASN A 17 -4.13 -7.06 0.12
C ASN A 17 -5.64 -7.24 -0.12
N LEU A 18 -6.02 -7.61 -1.32
CA LEU A 18 -7.39 -8.03 -1.55
C LEU A 18 -7.39 -9.51 -1.95
N ILE A 19 -8.16 -10.30 -1.21
CA ILE A 19 -8.26 -11.72 -1.49
C ILE A 19 -9.68 -12.04 -1.84
N ASP A 20 -9.90 -12.43 -3.09
CA ASP A 20 -11.23 -12.56 -3.71
C ASP A 20 -12.14 -11.42 -3.31
N GLY A 21 -11.62 -10.19 -3.40
CA GLY A 21 -12.40 -8.99 -3.09
C GLY A 21 -12.49 -8.66 -1.62
N TYR A 22 -11.87 -9.49 -0.78
CA TYR A 22 -11.87 -9.21 0.64
C TYR A 22 -10.62 -8.45 1.06
N PHE A 23 -10.84 -7.29 1.68
CA PHE A 23 -9.77 -6.43 2.16
C PHE A 23 -9.36 -6.64 3.63
N PHE A 24 -8.06 -6.70 3.87
CA PHE A 24 -7.51 -6.48 5.21
C PHE A 24 -6.06 -6.04 5.05
N GLU A 25 -5.50 -5.50 6.13
CA GLU A 25 -4.14 -4.98 6.11
C GLU A 25 -3.45 -5.27 7.45
N LEU A 26 -2.12 -5.21 7.42
CA LEU A 26 -1.27 -5.58 8.54
C LEU A 26 -0.16 -4.57 8.62
N PRO A 27 0.29 -4.26 9.84
CA PRO A 27 1.52 -3.49 9.99
C PRO A 27 2.66 -4.18 9.26
N THR A 28 3.59 -3.43 8.70
CA THR A 28 4.66 -3.99 7.85
C THR A 28 5.74 -4.76 8.62
N ASN A 29 5.86 -4.50 9.92
CA ASN A 29 6.88 -5.12 10.75
C ASN A 29 6.97 -6.63 10.69
N VAL A 30 8.19 -7.11 10.49
CA VAL A 30 8.52 -8.53 10.61
C VAL A 30 9.76 -8.66 11.48
N VAL A 31 9.64 -9.35 12.60
CA VAL A 31 10.77 -9.53 13.49
C VAL A 31 11.16 -11.01 13.55
N GLU A 32 12.40 -11.31 13.21
CA GLU A 32 12.87 -12.69 13.27
C GLU A 32 13.37 -13.02 14.66
N ILE A 33 12.85 -14.13 15.20
CA ILE A 33 13.24 -14.58 16.53
C ILE A 33 13.73 -16.01 16.43
N SER A 34 14.25 -16.56 17.52
CA SER A 34 14.80 -17.91 17.50
C SER A 34 13.72 -18.92 17.85
N LYS A 35 14.05 -20.21 17.73
CA LYS A 35 13.10 -21.27 18.04
C LYS A 35 12.67 -21.21 19.52
N GLU A 36 13.64 -21.07 20.42
CA GLU A 36 13.29 -21.09 21.83
C GLU A 36 12.54 -19.81 22.20
N ALA A 37 12.83 -18.70 21.54
CA ALA A 37 12.12 -17.46 21.84
C ALA A 37 10.64 -17.57 21.44
N ALA A 38 10.39 -18.27 20.33
CA ALA A 38 9.03 -18.48 19.82
C ALA A 38 8.24 -19.45 20.70
N GLU A 39 8.95 -20.38 21.30
CA GLU A 39 8.37 -21.24 22.32
C GLU A 39 8.36 -20.46 23.64
N GLY A 40 7.26 -20.48 24.37
CA GLY A 40 7.17 -19.66 25.56
C GLY A 40 7.10 -18.17 25.25
N LYS A 41 6.94 -17.85 23.96
CA LYS A 41 6.52 -16.53 23.51
C LYS A 41 5.06 -16.35 23.86
N PHE A 42 4.27 -17.22 23.25
CA PHE A 42 2.82 -17.18 23.30
C PHE A 42 2.32 -18.17 24.36
N THR A 43 1.51 -17.68 25.31
CA THR A 43 1.21 -18.43 26.53
C THR A 43 -0.21 -19.04 26.61
N SER A 44 -1.24 -18.29 26.22
CA SER A 44 -2.62 -18.80 26.33
C SER A 44 -3.25 -19.04 24.96
N ILE A 45 -4.00 -20.13 24.84
CA ILE A 45 -4.65 -20.53 23.59
C ILE A 45 -5.64 -19.49 23.04
N VAL A 46 -5.73 -19.37 21.72
CA VAL A 46 -6.82 -18.60 21.11
C VAL A 46 -7.64 -19.52 20.21
N GLU A 47 -8.94 -19.25 20.12
CA GLU A 47 -9.87 -20.15 19.46
C GLU A 47 -10.59 -19.47 18.28
N ASP A 48 -10.87 -18.18 18.43
CA ASP A 48 -11.50 -17.38 17.38
C ASP A 48 -10.48 -16.93 16.34
N PRO A 49 -10.63 -17.40 15.08
CA PRO A 49 -9.69 -17.11 14.01
C PRO A 49 -9.40 -15.63 13.81
N ALA A 50 -10.36 -14.77 14.18
CA ALA A 50 -10.16 -13.33 14.00
C ALA A 50 -9.04 -12.84 14.90
N ASP A 51 -8.82 -13.53 16.03
CA ASP A 51 -7.81 -13.11 16.98
C ASP A 51 -6.40 -13.34 16.44
N LEU A 52 -6.27 -14.17 15.42
CA LEU A 52 -4.96 -14.52 14.87
C LEU A 52 -4.25 -13.30 14.24
N LYS A 53 -5.03 -12.35 13.76
CA LYS A 53 -4.48 -11.24 13.00
C LYS A 53 -3.44 -10.47 13.81
N ASP A 54 -3.73 -10.27 15.11
CA ASP A 54 -2.81 -9.57 16.00
C ASP A 54 -1.83 -10.53 16.65
N ARG A 55 -1.91 -11.80 16.31
CA ARG A 55 -1.10 -12.79 17.01
C ARG A 55 -0.34 -13.69 16.02
N LEU A 56 0.24 -13.07 14.99
CA LEU A 56 0.90 -13.82 13.92
C LEU A 56 2.30 -14.29 14.27
N LEU A 57 2.42 -15.56 14.60
CA LEU A 57 3.70 -16.18 14.87
C LEU A 57 3.82 -17.39 13.95
N VAL A 58 4.72 -17.29 12.98
CA VAL A 58 4.82 -18.33 11.96
C VAL A 58 6.24 -18.81 11.81
N SER A 59 6.42 -19.95 11.16
CA SER A 59 7.74 -20.40 10.75
C SER A 59 7.67 -20.81 9.30
N THR A 60 8.79 -20.67 8.60
CA THR A 60 8.86 -21.13 7.24
C THR A 60 10.30 -21.55 6.95
N VAL A 61 10.49 -22.37 5.94
CA VAL A 61 11.83 -22.86 5.62
C VAL A 61 12.46 -22.02 4.53
N ILE A 62 13.60 -21.41 4.85
CA ILE A 62 14.30 -20.57 3.91
C ILE A 62 15.72 -21.06 3.77
N ASP A 63 16.07 -21.50 2.56
CA ASP A 63 17.38 -22.09 2.28
C ASP A 63 17.66 -23.26 3.22
N GLU A 64 16.65 -24.12 3.34
CA GLU A 64 16.70 -25.34 4.16
C GLU A 64 16.88 -25.05 5.65
N THR A 65 16.54 -23.84 6.08
CA THR A 65 16.59 -23.48 7.49
C THR A 65 15.22 -23.03 7.97
N GLU A 66 14.66 -23.70 8.97
CA GLU A 66 13.36 -23.33 9.52
C GLU A 66 13.48 -22.09 10.41
N ARG A 67 12.93 -20.96 9.95
CA ARG A 67 13.08 -19.72 10.70
C ARG A 67 11.75 -19.16 11.22
N TYR A 68 11.83 -18.45 12.34
CA TYR A 68 10.66 -18.07 13.13
C TYR A 68 10.45 -16.54 13.10
N PHE A 69 9.23 -16.11 12.76
CA PHE A 69 8.96 -14.69 12.57
C PHE A 69 7.71 -14.21 13.29
N LEU A 70 7.84 -13.05 13.93
CA LEU A 70 6.69 -12.26 14.36
C LEU A 70 6.29 -11.36 13.21
N VAL A 71 5.01 -11.33 12.89
CA VAL A 71 4.49 -10.57 11.75
C VAL A 71 3.38 -9.61 12.14
N GLY A 72 3.42 -8.39 11.62
CA GLY A 72 2.35 -7.45 11.85
C GLY A 72 2.36 -6.89 13.26
N GLU A 73 1.17 -6.71 13.82
CA GLU A 73 1.00 -6.07 15.12
C GLU A 73 1.72 -6.81 16.25
N LEU A 74 1.88 -8.13 16.12
CA LEU A 74 2.60 -8.89 17.12
C LEU A 74 4.10 -8.53 17.13
N ALA A 75 4.61 -8.07 15.99
CA ALA A 75 6.01 -7.68 15.88
C ALA A 75 6.25 -6.26 16.42
N GLU A 76 5.17 -5.54 16.71
CA GLU A 76 5.25 -4.10 16.98
C GLU A 76 6.15 -3.69 18.15
N PRO A 77 5.97 -4.29 19.35
CA PRO A 77 6.78 -3.80 20.48
C PRO A 77 8.29 -4.06 20.35
N GLU A 78 8.69 -4.96 19.46
CA GLU A 78 10.10 -5.30 19.28
C GLU A 78 10.86 -4.24 18.48
N LEU A 88 13.86 1.60 3.67
CA LEU A 88 13.34 1.10 2.39
C LEU A 88 14.09 -0.14 1.95
N HIS A 89 13.53 -1.32 2.20
CA HIS A 89 14.21 -2.55 1.86
C HIS A 89 13.96 -2.97 0.40
N ASN A 90 14.94 -3.64 -0.19
CA ASN A 90 14.81 -4.19 -1.54
C ASN A 90 13.71 -5.25 -1.54
N LYS A 91 12.59 -4.93 -2.18
CA LYS A 91 11.39 -5.74 -2.07
C LYS A 91 11.59 -7.15 -2.67
N VAL A 92 12.55 -7.26 -3.59
CA VAL A 92 12.79 -8.52 -4.30
C VAL A 92 13.66 -9.47 -3.50
N GLU A 93 14.78 -8.97 -2.97
CA GLU A 93 15.76 -9.84 -2.33
C GLU A 93 15.55 -10.01 -0.81
N SER A 94 14.72 -9.15 -0.23
CA SER A 94 14.36 -9.25 1.18
C SER A 94 13.27 -10.29 1.42
N HIS A 95 13.39 -11.03 2.51
CA HIS A 95 12.42 -12.06 2.87
C HIS A 95 11.16 -11.49 3.50
N ILE A 96 11.23 -10.24 3.94
CA ILE A 96 10.11 -9.61 4.64
C ILE A 96 8.77 -9.61 3.87
N PRO A 97 8.76 -9.19 2.58
CA PRO A 97 7.47 -9.28 1.87
C PRO A 97 6.97 -10.73 1.75
N TYR A 98 7.88 -11.63 1.45
CA TYR A 98 7.54 -13.04 1.28
C TYR A 98 6.94 -13.62 2.58
N VAL A 99 7.57 -13.35 3.71
CA VAL A 99 7.07 -13.84 5.00
C VAL A 99 5.72 -13.20 5.33
N THR A 100 5.57 -11.90 5.09
CA THR A 100 4.29 -11.27 5.33
C THR A 100 3.17 -11.90 4.49
N PHE A 101 3.45 -12.16 3.21
CA PHE A 101 2.48 -12.81 2.32
C PHE A 101 2.01 -14.17 2.88
N LEU A 102 2.94 -14.96 3.39
CA LEU A 102 2.63 -16.30 3.90
C LEU A 102 1.71 -16.23 5.12
N ALA A 103 2.06 -15.35 6.05
CA ALA A 103 1.28 -15.11 7.25
C ALA A 103 -0.10 -14.55 6.91
N ALA A 104 -0.15 -13.60 5.97
CA ALA A 104 -1.41 -13.04 5.51
C ALA A 104 -2.32 -14.15 4.95
N THR A 105 -1.77 -14.96 4.05
CA THR A 105 -2.54 -16.04 3.44
C THR A 105 -3.04 -17.04 4.51
N ALA A 106 -2.19 -17.35 5.49
CA ALA A 106 -2.57 -18.29 6.54
C ALA A 106 -3.66 -17.69 7.41
N TYR A 107 -3.59 -16.38 7.63
CA TYR A 107 -4.62 -15.68 8.37
C TYR A 107 -5.97 -15.76 7.66
N TYR A 108 -5.97 -15.48 6.36
CA TYR A 108 -7.19 -15.52 5.59
C TYR A 108 -7.76 -16.94 5.60
N GLN A 109 -6.89 -17.94 5.52
CA GLN A 109 -7.33 -19.33 5.54
C GLN A 109 -8.00 -19.66 6.87
N ALA A 110 -7.41 -19.19 7.97
CA ALA A 110 -7.95 -19.44 9.31
C ALA A 110 -9.29 -18.72 9.50
N LEU A 111 -9.38 -17.50 8.96
CA LEU A 111 -10.59 -16.69 9.09
C LEU A 111 -11.75 -17.26 8.29
N LYS A 112 -11.51 -17.57 7.01
CA LYS A 112 -12.61 -17.92 6.10
C LYS A 112 -12.69 -19.40 5.73
N GLY A 113 -11.72 -20.21 6.15
CA GLY A 113 -11.68 -21.61 5.76
C GLY A 113 -11.88 -22.63 6.86
N LYS A 114 -11.67 -23.90 6.54
CA LYS A 114 -11.92 -24.99 7.48
C LYS A 114 -10.65 -25.33 8.26
N ARG A 115 -10.83 -25.55 9.55
CA ARG A 115 -9.75 -25.90 10.46
C ARG A 115 -8.82 -27.00 9.95
N GLU A 116 -9.39 -28.05 9.36
CA GLU A 116 -8.62 -29.22 8.91
C GLU A 116 -8.12 -29.11 7.45
N ASP A 117 -8.46 -28.03 6.76
CA ASP A 117 -7.93 -27.81 5.40
C ASP A 117 -6.52 -27.23 5.47
N ASN A 118 -5.53 -28.00 5.03
CA ASN A 118 -4.14 -27.55 5.15
C ASN A 118 -3.51 -27.07 3.83
N GLU A 119 -4.34 -26.76 2.84
CA GLU A 119 -3.83 -26.40 1.53
C GLU A 119 -4.59 -25.24 0.93
N VAL A 120 -3.85 -24.29 0.36
CA VAL A 120 -4.42 -23.15 -0.36
C VAL A 120 -3.85 -23.08 -1.77
N THR A 121 -4.73 -23.08 -2.76
CA THR A 121 -4.37 -22.76 -4.13
C THR A 121 -4.79 -21.32 -4.51
N ILE A 122 -3.87 -20.58 -5.13
CA ILE A 122 -4.13 -19.24 -5.62
C ILE A 122 -3.96 -19.22 -7.14
N GLU A 123 -5.04 -18.93 -7.87
CA GLU A 123 -4.99 -18.97 -9.34
C GLU A 123 -4.15 -17.84 -9.89
N TYR A 124 -4.32 -16.66 -9.31
CA TYR A 124 -3.68 -15.46 -9.83
C TYR A 124 -3.23 -14.54 -8.69
N PHE A 125 -1.91 -14.49 -8.46
CA PHE A 125 -1.32 -13.60 -7.48
C PHE A 125 -0.77 -12.39 -8.19
N GLN A 126 -0.97 -11.22 -7.60
CA GLN A 126 -0.49 -10.00 -8.22
C GLN A 126 0.03 -9.06 -7.15
N THR A 127 1.20 -8.51 -7.41
CA THR A 127 1.74 -7.44 -6.56
C THR A 127 2.38 -6.40 -7.48
N MET A 128 3.30 -5.60 -6.95
CA MET A 128 3.90 -4.53 -7.75
C MET A 128 5.21 -4.09 -7.10
N LEU A 129 5.99 -3.28 -7.81
CA LEU A 129 7.25 -2.75 -7.28
C LEU A 129 7.27 -1.22 -7.30
N PRO A 130 7.89 -0.61 -6.28
CA PRO A 130 8.02 0.86 -6.22
C PRO A 130 8.97 1.40 -7.30
N ILE A 131 8.69 2.61 -7.77
CA ILE A 131 9.49 3.22 -8.83
C ILE A 131 10.93 3.44 -8.40
N TRP A 132 11.16 3.74 -7.12
CA TRP A 132 12.51 4.02 -6.69
C TRP A 132 13.37 2.76 -6.83
N LEU A 133 12.74 1.60 -6.66
CA LEU A 133 13.45 0.35 -6.85
C LEU A 133 13.63 0.00 -8.35
N LEU A 134 12.60 0.17 -9.16
CA LEU A 134 12.68 -0.12 -10.59
C LEU A 134 13.69 0.75 -11.35
N LYS A 135 13.77 2.03 -11.00
CA LYS A 135 14.63 2.98 -11.70
C LYS A 135 16.12 2.70 -11.55
N LYS A 136 16.49 1.87 -10.58
CA LYS A 136 17.87 1.50 -10.39
C LYS A 136 18.38 0.58 -11.50
N LEU A 137 17.46 -0.04 -12.24
CA LEU A 137 17.82 -0.99 -13.28
C LEU A 137 17.51 -0.42 -14.65
N ASP A 138 18.24 -0.84 -15.69
CA ASP A 138 17.96 -0.40 -17.07
C ASP A 138 16.65 -0.95 -17.64
N LYS A 139 16.18 -2.10 -17.12
CA LYS A 139 14.93 -2.72 -17.60
C LYS A 139 13.94 -3.02 -16.46
N PHE A 140 12.76 -2.41 -16.47
CA PHE A 140 11.78 -2.67 -15.42
C PHE A 140 11.28 -4.11 -15.44
N SER A 141 11.07 -4.63 -16.64
CA SER A 141 10.35 -5.88 -16.84
C SER A 141 11.03 -7.05 -16.15
N GLU A 142 12.35 -7.06 -16.17
CA GLU A 142 13.11 -8.17 -15.61
C GLU A 142 13.05 -8.18 -14.08
N MET A 143 13.08 -7.00 -13.46
CA MET A 143 12.92 -6.93 -12.01
CA MET A 143 12.92 -6.94 -12.01
C MET A 143 11.49 -7.36 -11.65
N GLN A 144 10.51 -6.91 -12.42
CA GLN A 144 9.12 -7.28 -12.15
C GLN A 144 8.93 -8.81 -12.29
N LYS A 145 9.58 -9.41 -13.29
CA LYS A 145 9.56 -10.87 -13.46
C LYS A 145 10.19 -11.62 -12.26
N ARG A 146 11.32 -11.14 -11.77
CA ARG A 146 11.93 -11.76 -10.59
C ARG A 146 11.02 -11.60 -9.37
N MET A 147 10.36 -10.45 -9.24
CA MET A 147 9.46 -10.24 -8.10
C MET A 147 8.32 -11.26 -8.14
N ALA A 148 7.71 -11.40 -9.32
CA ALA A 148 6.63 -12.36 -9.52
C ALA A 148 7.07 -13.79 -9.25
N SER A 149 8.29 -14.13 -9.68
CA SER A 149 8.81 -15.47 -9.48
C SER A 149 8.98 -15.84 -8.01
N LYS A 150 9.11 -14.83 -7.17
CA LYS A 150 9.29 -15.04 -5.75
C LYS A 150 8.05 -15.69 -5.13
N PHE A 151 6.92 -15.52 -5.80
CA PHE A 151 5.66 -15.95 -5.22
C PHE A 151 5.07 -17.14 -5.97
N LEU A 152 5.36 -17.24 -7.26
CA LEU A 152 4.98 -18.40 -8.08
C LEU A 152 5.40 -19.74 -7.44
N GLY A 153 4.55 -20.75 -7.57
CA GLY A 153 4.89 -22.07 -7.08
C GLY A 153 4.37 -22.42 -5.69
N THR A 154 5.00 -23.43 -5.11
CA THR A 154 4.56 -24.06 -3.86
C THR A 154 5.39 -23.59 -2.66
N HIS A 155 4.70 -23.16 -1.62
CA HIS A 155 5.34 -22.74 -0.38
C HIS A 155 4.69 -23.37 0.82
N GLN A 156 5.43 -23.46 1.91
CA GLN A 156 4.80 -23.86 3.16
C GLN A 156 5.03 -22.86 4.27
N VAL A 157 4.05 -22.75 5.14
CA VAL A 157 4.22 -21.95 6.34
C VAL A 157 3.51 -22.65 7.50
N LYS A 158 4.11 -22.58 8.69
CA LYS A 158 3.47 -23.06 9.92
C LYS A 158 2.90 -21.90 10.71
N VAL A 159 1.68 -22.04 11.20
CA VAL A 159 1.14 -21.12 12.20
C VAL A 159 1.45 -21.73 13.55
N LEU A 160 2.13 -20.98 14.42
CA LEU A 160 2.54 -21.54 15.70
C LEU A 160 1.70 -20.99 16.83
N THR A 161 0.78 -20.10 16.49
CA THR A 161 -0.16 -19.57 17.48
C THR A 161 -1.03 -20.70 18.05
N LEU A 162 -0.91 -20.96 19.35
CA LEU A 162 -1.67 -22.02 20.01
C LEU A 162 -3.18 -21.89 19.77
N GLY A 163 -3.82 -23.00 19.39
CA GLY A 163 -5.21 -23.00 19.00
C GLY A 163 -5.46 -23.02 17.51
N LEU A 164 -4.49 -22.55 16.72
CA LEU A 164 -4.63 -22.46 15.26
C LEU A 164 -3.41 -23.00 14.52
N GLU A 165 -2.65 -23.86 15.20
CA GLU A 165 -1.47 -24.48 14.63
C GLU A 165 -1.78 -25.34 13.40
N LYS A 166 -0.89 -25.27 12.43
CA LYS A 166 -0.89 -26.15 11.25
C LYS A 166 0.27 -25.77 10.36
N GLU A 167 0.67 -26.69 9.49
CA GLU A 167 1.51 -26.33 8.35
C GLU A 167 0.66 -26.22 7.08
N LEU A 168 0.64 -25.03 6.50
CA LEU A 168 -0.18 -24.77 5.34
C LEU A 168 0.67 -24.83 4.09
N THR A 169 0.27 -25.66 3.13
CA THR A 169 0.88 -25.60 1.80
C THR A 169 0.12 -24.60 0.94
N ILE A 170 0.85 -23.64 0.36
CA ILE A 170 0.27 -22.60 -0.49
C ILE A 170 0.83 -22.70 -1.92
N LYS A 171 -0.06 -22.94 -2.88
CA LYS A 171 0.33 -23.10 -4.28
C LYS A 171 -0.17 -21.95 -5.14
N VAL A 172 0.79 -21.19 -5.66
CA VAL A 172 0.47 -20.05 -6.52
C VAL A 172 0.64 -20.47 -7.97
N GLU A 173 -0.49 -20.58 -8.67
CA GLU A 173 -0.50 -21.11 -10.03
C GLU A 173 0.09 -20.12 -11.04
N ASP A 174 -0.29 -18.85 -10.92
CA ASP A 174 0.17 -17.82 -11.83
C ASP A 174 0.42 -16.53 -11.05
N ALA A 175 1.47 -15.80 -11.42
CA ALA A 175 1.82 -14.59 -10.69
C ALA A 175 2.30 -13.47 -11.63
N ALA A 176 2.03 -12.21 -11.26
CA ALA A 176 2.50 -11.08 -12.04
C ALA A 176 2.85 -9.89 -11.13
N CYS A 177 3.74 -9.04 -11.61
CA CYS A 177 4.18 -7.88 -10.84
C CYS A 177 4.07 -6.61 -11.71
N ARG A 178 3.29 -5.64 -11.23
CA ARG A 178 3.05 -4.39 -11.96
C ARG A 178 3.94 -3.27 -11.41
N ILE A 179 3.72 -2.05 -11.86
CA ILE A 179 4.49 -0.90 -11.40
C ILE A 179 3.64 -0.04 -10.48
N GLU A 180 4.06 0.08 -9.22
CA GLU A 180 3.40 1.01 -8.29
C GLU A 180 3.22 2.41 -8.89
N SER A 181 2.14 3.08 -8.46
CA SER A 181 1.79 4.44 -8.88
C SER A 181 1.24 4.49 -10.31
N GLU A 182 1.97 3.89 -11.25
CA GLU A 182 1.47 3.81 -12.62
C GLU A 182 0.23 2.92 -12.67
N VAL A 183 0.27 1.76 -12.00
CA VAL A 183 -0.84 0.80 -12.11
C VAL A 183 -2.16 1.36 -11.56
N ALA A 184 -2.06 2.36 -10.69
CA ALA A 184 -3.24 2.96 -10.09
C ALA A 184 -4.15 3.59 -11.13
N ARG A 185 -3.62 3.86 -12.32
CA ARG A 185 -4.43 4.53 -13.33
C ARG A 185 -5.60 3.62 -13.70
N TRP A 186 -5.47 2.31 -13.49
CA TRP A 186 -6.56 1.41 -13.85
C TRP A 186 -7.75 1.57 -12.91
N ALA A 187 -7.49 2.02 -11.67
CA ALA A 187 -8.59 2.24 -10.73
C ALA A 187 -9.35 3.52 -11.06
N ILE A 188 -8.72 4.42 -11.83
CA ILE A 188 -9.39 5.60 -12.36
C ILE A 188 -10.11 5.31 -13.71
N LYS A 189 -9.49 4.46 -14.53
CA LYS A 189 -10.00 4.21 -15.88
C LYS A 189 -11.25 3.32 -15.85
N LYS A 190 -11.21 2.30 -15.02
CA LYS A 190 -12.25 1.28 -14.94
C LYS A 190 -12.76 1.05 -13.52
N ASN A 191 -13.99 0.57 -13.39
CA ASN A 191 -14.45 0.01 -12.12
C ASN A 191 -14.21 -1.50 -12.11
N PHE A 192 -14.56 -2.17 -11.02
CA PHE A 192 -14.27 -3.61 -10.92
C PHE A 192 -15.08 -4.47 -11.90
N ASP A 193 -16.12 -3.89 -12.50
CA ASP A 193 -16.85 -4.58 -13.56
C ASP A 193 -16.25 -4.30 -14.92
N LEU A 194 -15.09 -3.66 -14.93
CA LEU A 194 -14.33 -3.35 -16.16
C LEU A 194 -15.07 -2.41 -17.11
N GLU A 195 -15.99 -1.63 -16.55
CA GLU A 195 -16.65 -0.55 -17.28
C GLU A 195 -15.79 0.70 -17.21
N ASP A 196 -15.66 1.42 -18.33
CA ASP A 196 -15.03 2.75 -18.34
C ASP A 196 -15.77 3.71 -17.39
N LYS A 197 -15.03 4.42 -16.55
CA LYS A 197 -15.61 5.35 -15.59
C LYS A 197 -15.81 6.73 -16.20
N ASP A 198 -17.01 7.26 -16.05
CA ASP A 198 -17.29 8.62 -16.45
C ASP A 198 -16.29 9.58 -15.78
N TYR A 199 -15.94 9.27 -14.54
CA TYR A 199 -14.93 10.01 -13.80
C TYR A 199 -13.61 10.22 -14.58
N ALA A 200 -13.23 9.24 -15.41
CA ALA A 200 -11.98 9.35 -16.15
C ALA A 200 -12.06 10.30 -17.35
N GLU A 201 -13.27 10.76 -17.67
CA GLU A 201 -13.47 11.57 -18.87
C GLU A 201 -12.85 12.95 -18.75
N GLN A 202 -12.68 13.41 -17.51
CA GLN A 202 -12.09 14.73 -17.28
C GLN A 202 -10.61 14.72 -17.65
N PHE A 203 -10.03 13.52 -17.78
CA PHE A 203 -8.62 13.38 -18.16
C PHE A 203 -8.44 12.94 -19.62
N LYS A 204 -9.54 12.89 -20.37
CA LYS A 204 -9.51 12.50 -21.78
C LYS A 204 -8.58 13.36 -22.63
N ASN A 205 -8.54 14.66 -22.35
CA ASN A 205 -7.73 15.57 -23.15
C ASN A 205 -6.60 16.27 -22.40
N TYR A 206 -6.11 15.69 -21.31
CA TYR A 206 -5.03 16.34 -20.59
C TYR A 206 -3.99 15.31 -20.22
N ASP A 207 -2.72 15.63 -20.44
CA ASP A 207 -1.67 14.85 -19.81
C ASP A 207 -1.87 14.99 -18.29
N VAL A 208 -1.61 13.92 -17.55
CA VAL A 208 -1.85 13.92 -16.13
C VAL A 208 -0.61 13.51 -15.36
N VAL A 209 -0.25 14.30 -14.35
CA VAL A 209 0.80 13.88 -13.43
C VAL A 209 0.20 13.13 -12.22
N PHE A 210 0.41 11.81 -12.21
CA PHE A 210 -0.02 10.98 -11.09
C PHE A 210 0.94 11.15 -9.93
N CYS A 211 0.43 11.60 -8.79
CA CYS A 211 1.29 11.83 -7.62
C CYS A 211 0.97 10.89 -6.46
N ASP A 212 1.75 9.82 -6.37
CA ASP A 212 1.62 8.83 -5.31
C ASP A 212 2.37 9.30 -4.06
N LEU A 213 1.68 10.00 -3.18
CA LEU A 213 2.33 10.58 -2.01
C LEU A 213 2.27 9.62 -0.83
N GLY A 214 3.42 9.09 -0.43
CA GLY A 214 3.48 8.13 0.65
C GLY A 214 4.23 8.62 1.88
N GLY A 215 4.32 7.76 2.89
CA GLY A 215 5.03 8.08 4.13
C GLY A 215 6.52 8.23 3.90
N GLY A 216 7.10 7.39 3.04
CA GLY A 216 8.54 7.39 2.87
C GLY A 216 9.07 7.82 1.51
N THR A 217 8.22 7.79 0.50
CA THR A 217 8.57 8.29 -0.84
C THR A 217 7.41 9.05 -1.47
N ASP A 218 7.74 9.84 -2.48
CA ASP A 218 6.73 10.47 -3.34
C ASP A 218 7.03 10.14 -4.80
N ASP A 219 6.15 9.35 -5.42
CA ASP A 219 6.40 8.84 -6.77
C ASP A 219 5.45 9.46 -7.78
N LEU A 220 6.01 9.92 -8.90
CA LEU A 220 5.20 10.60 -9.91
C LEU A 220 5.31 9.92 -11.26
N VAL A 221 4.16 9.79 -11.93
CA VAL A 221 4.11 9.22 -13.27
C VAL A 221 3.44 10.18 -14.25
N LEU A 222 4.04 10.39 -15.41
CA LEU A 222 3.43 11.28 -16.41
C LEU A 222 2.61 10.44 -17.40
N LEU A 223 1.28 10.57 -17.34
CA LEU A 223 0.38 9.84 -18.23
C LEU A 223 -0.14 10.72 -19.34
N PRO A 224 0.16 10.35 -20.60
CA PRO A 224 -0.35 11.08 -21.76
C PRO A 224 -1.88 11.04 -21.79
N ALA A 225 -2.47 12.07 -22.38
CA ALA A 225 -3.92 12.29 -22.47
C ALA A 225 -4.75 11.01 -22.58
N GLY A 226 -5.77 10.87 -21.73
CA GLY A 226 -6.57 9.66 -21.70
C GLY A 226 -6.01 8.57 -20.78
N LEU A 227 -5.15 8.95 -19.86
CA LEU A 227 -4.57 8.02 -18.88
C LEU A 227 -3.91 6.82 -19.56
N LYS A 228 -3.16 7.11 -20.61
CA LYS A 228 -2.49 6.10 -21.42
C LYS A 228 -1.17 5.74 -20.78
N PRO A 229 -0.53 4.63 -21.24
CA PRO A 229 0.73 4.26 -20.57
C PRO A 229 1.80 5.33 -20.73
N PRO A 230 2.71 5.43 -19.76
CA PRO A 230 3.84 6.37 -19.85
C PRO A 230 4.62 6.12 -21.12
N LYS A 231 5.18 7.18 -21.72
CA LYS A 231 5.88 7.05 -23.00
C LYS A 231 7.25 6.41 -22.85
N SER A 232 7.98 6.78 -21.78
CA SER A 232 9.29 6.22 -21.54
C SER A 232 9.67 6.22 -20.05
N ARG A 233 10.88 5.75 -19.78
CA ARG A 233 11.44 5.68 -18.46
C ARG A 233 11.50 7.03 -17.74
N ASP A 234 11.61 8.11 -18.53
CA ASP A 234 11.68 9.46 -17.97
C ASP A 234 10.34 9.91 -17.38
N SER A 235 9.28 9.16 -17.67
CA SER A 235 7.95 9.51 -17.19
C SER A 235 7.67 8.97 -15.78
N PHE A 236 8.67 8.30 -15.22
CA PHE A 236 8.59 7.70 -13.89
C PHE A 236 9.61 8.34 -12.97
N VAL A 237 9.18 8.98 -11.90
CA VAL A 237 10.14 9.62 -10.99
C VAL A 237 9.80 9.35 -9.52
N SER A 238 10.83 9.05 -8.72
CA SER A 238 10.67 8.88 -7.28
C SER A 238 11.48 9.91 -6.49
N ASN A 239 10.87 10.49 -5.45
CA ASN A 239 11.58 11.44 -4.55
C ASN A 239 11.75 10.94 -3.12
N THR A 240 12.82 11.36 -2.45
CA THR A 240 13.00 11.02 -1.04
C THR A 240 13.49 12.17 -0.13
N ALA A 241 12.53 12.96 0.34
CA ALA A 241 12.65 13.83 1.52
C ALA A 241 11.35 13.68 2.31
N PRO A 242 11.22 12.55 3.05
CA PRO A 242 9.93 11.95 3.36
C PRO A 242 9.02 12.69 4.33
N PHE A 243 7.75 12.33 4.25
CA PHE A 243 6.70 12.83 5.15
C PHE A 243 6.95 12.46 6.61
N LEU A 244 7.44 11.25 6.84
CA LEU A 244 7.70 10.79 8.20
C LEU A 244 8.77 11.62 8.90
N ALA A 245 9.78 12.06 8.14
CA ALA A 245 10.82 12.90 8.71
C ALA A 245 10.21 14.24 9.08
N HIS A 246 9.24 14.66 8.29
CA HIS A 246 8.59 15.95 8.53
C HIS A 246 7.75 15.88 9.82
N LEU A 247 7.14 14.72 10.05
CA LEU A 247 6.36 14.52 11.27
C LEU A 247 7.24 14.42 12.51
N GLU A 248 8.37 13.72 12.40
CA GLU A 248 9.20 13.48 13.57
C GLU A 248 9.92 14.77 13.93
N LYS A 249 10.15 15.63 12.95
CA LYS A 249 10.73 16.94 13.25
C LYS A 249 9.68 17.79 13.93
N LEU A 250 8.44 17.67 13.47
CA LEU A 250 7.31 18.37 14.07
C LEU A 250 7.08 17.91 15.50
N ARG A 251 7.17 16.60 15.71
CA ARG A 251 6.96 16.03 17.03
C ARG A 251 8.01 16.56 18.00
N LYS A 252 9.28 16.44 17.63
CA LYS A 252 10.36 16.78 18.55
C LYS A 252 10.44 18.29 18.81
N GLU A 253 9.91 19.08 17.89
CA GLU A 253 9.98 20.54 18.03
C GLU A 253 8.75 21.13 18.71
N LYS A 254 7.56 20.65 18.37
CA LYS A 254 6.34 21.32 18.81
C LYS A 254 5.36 20.48 19.64
N LEU A 255 5.56 19.16 19.70
CA LEU A 255 4.57 18.28 20.29
C LEU A 255 5.13 17.18 21.21
N LEU A 256 6.35 17.37 21.72
CA LEU A 256 7.03 16.37 22.55
C LEU A 256 6.17 15.92 23.74
N GLU A 257 5.27 16.80 24.17
CA GLU A 257 4.39 16.55 25.30
C GLU A 257 3.35 15.49 24.97
N HIS A 258 2.99 15.42 23.69
CA HIS A 258 1.79 14.69 23.27
C HIS A 258 2.08 13.36 22.57
N PHE A 259 3.32 13.19 22.11
CA PHE A 259 3.70 12.00 21.35
C PHE A 259 5.14 11.57 21.63
N ASP A 260 5.32 10.29 21.94
CA ASP A 260 6.66 9.75 22.23
C ASP A 260 7.24 9.09 20.99
N SER A 261 6.43 8.96 19.96
CA SER A 261 6.91 8.35 18.73
C SER A 261 6.21 8.98 17.55
N VAL A 262 6.86 8.92 16.39
CA VAL A 262 6.28 9.50 15.20
C VAL A 262 5.06 8.67 14.75
N ARG A 263 5.06 7.40 15.13
CA ARG A 263 3.97 6.50 14.73
C ARG A 263 2.67 6.94 15.41
N GLU A 264 2.78 7.31 16.68
CA GLU A 264 1.65 7.89 17.42
C GLU A 264 1.10 9.15 16.74
N LEU A 265 2.00 10.05 16.38
CA LEU A 265 1.57 11.32 15.79
C LEU A 265 0.91 11.07 14.43
N GLU A 266 1.54 10.20 13.66
CA GLU A 266 1.01 9.73 12.39
C GLU A 266 -0.40 9.14 12.53
N LYS A 267 -0.61 8.31 13.56
CA LYS A 267 -1.91 7.69 13.77
C LYS A 267 -2.98 8.70 14.19
N PHE A 268 -2.63 9.58 15.12
CA PHE A 268 -3.52 10.67 15.52
C PHE A 268 -3.93 11.55 14.32
N ILE A 269 -2.99 11.85 13.44
CA ILE A 269 -3.30 12.71 12.28
C ILE A 269 -4.31 12.10 11.30
N TYR A 270 -4.07 10.89 10.79
CA TYR A 270 -5.04 10.35 9.82
C TYR A 270 -6.36 9.97 10.50
N SER A 271 -6.30 9.55 11.76
CA SER A 271 -7.50 9.36 12.55
C SER A 271 -8.30 10.66 12.72
N ASN A 272 -7.63 11.80 12.76
CA ASN A 272 -8.29 13.06 13.16
C ASN A 272 -8.34 14.16 12.12
N ILE A 273 -7.51 14.06 11.08
CA ILE A 273 -7.62 14.97 9.97
C ILE A 273 -9.02 14.78 9.39
N GLY A 274 -9.63 15.85 8.92
CA GLY A 274 -10.94 15.72 8.32
C GLY A 274 -12.07 16.19 9.21
N LYS A 275 -11.81 16.29 10.52
CA LYS A 275 -12.76 16.96 11.39
C LYS A 275 -12.23 18.31 11.85
N THR A 276 -13.15 19.17 12.30
CA THR A 276 -12.85 20.57 12.61
C THR A 276 -11.87 20.73 13.75
N LYS A 277 -11.97 19.83 14.74
CA LYS A 277 -11.11 19.90 15.89
C LYS A 277 -10.24 18.64 15.96
N MET A 278 -8.93 18.82 16.04
CA MET A 278 -8.02 17.69 16.21
C MET A 278 -7.62 17.62 17.69
N GLU A 279 -8.32 16.77 18.43
CA GLU A 279 -8.21 16.75 19.89
C GLU A 279 -7.51 15.50 20.41
N ARG A 280 -6.49 15.74 21.24
CA ARG A 280 -5.73 14.68 21.88
C ARG A 280 -6.32 14.40 23.27
N ARG A 281 -6.52 13.11 23.55
CA ARG A 281 -7.28 12.61 24.71
C ARG A 281 -6.48 11.76 25.69
N ASP A 282 -5.94 12.33 26.77
CA ASP A 282 -5.21 11.46 27.70
C ASP A 282 -6.13 10.38 28.29
N GLY A 283 -5.71 9.11 28.21
CA GLY A 283 -6.52 7.99 28.68
C GLY A 283 -6.85 7.94 30.17
N ASN A 284 -5.92 8.44 30.99
CA ASN A 284 -6.06 8.40 32.45
C ASN A 284 -7.14 9.32 33.01
N THR A 285 -7.11 10.58 32.59
CA THR A 285 -7.96 11.61 33.18
C THR A 285 -8.92 12.23 32.17
N GLY A 286 -8.77 11.86 30.90
CA GLY A 286 -9.61 12.39 29.84
C GLY A 286 -9.51 13.87 29.56
N GLN A 287 -8.34 14.45 29.80
CA GLN A 287 -8.16 15.91 29.64
C GLN A 287 -7.94 16.31 28.16
N LYS A 288 -8.28 17.55 27.79
CA LYS A 288 -8.31 17.89 26.38
C LYS A 288 -7.38 18.96 25.85
N PHE A 289 -6.71 18.62 24.76
CA PHE A 289 -5.68 19.44 24.10
C PHE A 289 -6.00 19.60 22.61
N ASP A 290 -6.43 20.79 22.24
CA ASP A 290 -6.68 21.12 20.84
C ASP A 290 -5.35 21.33 20.13
N LEU A 291 -5.02 20.42 19.22
CA LEU A 291 -3.75 20.48 18.50
C LEU A 291 -3.97 20.91 17.05
N THR A 292 -5.18 21.34 16.71
CA THR A 292 -5.57 21.59 15.32
C THR A 292 -4.70 22.57 14.57
N ASP A 293 -4.50 23.76 15.15
CA ASP A 293 -3.72 24.81 14.51
C ASP A 293 -2.30 24.36 14.20
N ILE A 294 -1.67 23.69 15.16
CA ILE A 294 -0.28 23.28 15.02
C ILE A 294 -0.14 22.30 13.87
N ILE A 295 -1.13 21.42 13.75
CA ILE A 295 -1.04 20.36 12.79
C ILE A 295 -1.38 20.82 11.36
N LYS A 296 -2.51 21.52 11.17
CA LYS A 296 -2.87 21.96 9.82
C LYS A 296 -1.80 22.89 9.26
N LYS A 297 -1.18 23.66 10.13
CA LYS A 297 -0.10 24.56 9.71
C LYS A 297 1.10 23.75 9.22
N SER A 298 1.50 22.74 9.98
CA SER A 298 2.61 21.88 9.56
C SER A 298 2.30 21.11 8.27
N LEU A 299 1.06 20.66 8.13
CA LEU A 299 0.67 19.92 6.94
C LEU A 299 0.66 20.84 5.71
N LYS A 300 0.32 22.11 5.92
CA LYS A 300 0.26 23.04 4.80
C LYS A 300 1.66 23.30 4.29
N GLU A 301 2.61 23.49 5.22
CA GLU A 301 4.04 23.60 4.87
C GLU A 301 4.49 22.45 3.97
N TYR A 302 4.25 21.23 4.44
CA TYR A 302 4.64 20.03 3.71
C TYR A 302 3.99 20.00 2.33
N THR A 303 2.70 20.29 2.28
CA THR A 303 1.95 20.30 1.02
C THR A 303 2.54 21.30 0.02
N GLU A 304 2.95 22.47 0.52
CA GLU A 304 3.57 23.46 -0.33
C GLU A 304 4.84 22.90 -0.98
N ILE A 305 5.61 22.14 -0.21
CA ILE A 305 6.77 21.44 -0.77
C ILE A 305 6.31 20.39 -1.81
N LYS A 306 5.23 19.66 -1.55
CA LYS A 306 4.77 18.63 -2.49
C LYS A 306 4.29 19.24 -3.81
N ILE A 307 3.45 20.27 -3.73
CA ILE A 307 2.90 20.88 -4.93
C ILE A 307 4.03 21.38 -5.81
N ALA A 308 5.03 22.01 -5.18
CA ALA A 308 6.17 22.58 -5.90
C ALA A 308 7.03 21.48 -6.53
N GLN A 309 7.20 20.36 -5.83
CA GLN A 309 7.93 19.23 -6.38
C GLN A 309 7.23 18.70 -7.63
N ALA A 310 5.93 18.48 -7.54
CA ALA A 310 5.16 17.92 -8.64
C ALA A 310 5.18 18.84 -9.84
N GLU A 311 5.01 20.13 -9.58
CA GLU A 311 5.05 21.14 -10.62
C GLU A 311 6.40 21.11 -11.34
N ASN A 312 7.48 20.91 -10.58
CA ASN A 312 8.83 20.99 -11.14
C ASN A 312 9.38 19.66 -11.66
N THR A 313 8.69 18.57 -11.36
CA THR A 313 9.15 17.26 -11.73
C THR A 313 9.01 17.05 -13.22
N PHE A 314 7.86 17.44 -13.75
CA PHE A 314 7.61 17.35 -15.18
C PHE A 314 7.29 18.75 -15.65
N PRO A 315 8.30 19.44 -16.21
CA PRO A 315 8.16 20.84 -16.61
C PRO A 315 7.13 21.01 -17.71
N ALA A 316 5.88 21.31 -17.32
CA ALA A 316 4.81 21.54 -18.29
C ALA A 316 5.17 22.67 -19.25
N PRO A 317 5.21 22.35 -20.55
CA PRO A 317 5.49 23.38 -21.56
C PRO A 317 4.35 24.40 -21.56
N LYS A 318 4.68 25.64 -21.91
CA LYS A 318 3.72 26.73 -21.78
C LYS A 318 2.66 26.71 -22.88
N ASP A 319 2.59 25.62 -23.64
CA ASP A 319 1.49 25.42 -24.58
C ASP A 319 0.70 24.17 -24.17
N LYS A 320 0.93 23.72 -22.95
CA LYS A 320 0.22 22.56 -22.43
C LYS A 320 -0.33 22.85 -21.05
N VAL A 321 -1.53 22.31 -20.80
CA VAL A 321 -2.11 22.30 -19.48
C VAL A 321 -2.04 20.87 -18.96
N TYR A 322 -1.34 20.68 -17.85
CA TYR A 322 -1.35 19.41 -17.14
C TYR A 322 -2.46 19.41 -16.10
N LYS A 323 -2.97 18.23 -15.79
CA LYS A 323 -3.77 18.04 -14.58
C LYS A 323 -2.99 17.16 -13.60
N TYR A 324 -3.35 17.26 -12.33
CA TYR A 324 -2.65 16.57 -11.25
C TYR A 324 -3.63 15.72 -10.47
N LEU A 325 -3.33 14.43 -10.39
CA LEU A 325 -4.09 13.51 -9.57
C LEU A 325 -3.25 13.04 -8.42
N TYR A 326 -3.66 13.40 -7.20
CA TYR A 326 -2.93 13.10 -5.96
C TYR A 326 -3.52 11.90 -5.23
N PHE A 327 -2.68 10.93 -4.86
CA PHE A 327 -3.15 9.80 -4.06
C PHE A 327 -2.05 9.27 -3.12
N GLY A 328 -2.17 8.01 -2.69
CA GLY A 328 -1.36 7.53 -1.59
C GLY A 328 -1.99 7.94 -0.26
N GLY A 329 -1.49 7.36 0.83
CA GLY A 329 -2.02 7.60 2.16
C GLY A 329 -1.77 9.02 2.66
N VAL A 330 -0.64 9.59 2.27
CA VAL A 330 -0.36 10.97 2.62
C VAL A 330 -1.25 11.92 1.80
N GLY A 331 -1.56 11.54 0.56
CA GLY A 331 -2.37 12.39 -0.30
C GLY A 331 -3.75 12.57 0.31
N GLU A 332 -4.28 11.47 0.83
CA GLU A 332 -5.52 11.41 1.57
C GLU A 332 -5.54 12.39 2.76
N VAL A 333 -4.44 12.40 3.51
CA VAL A 333 -4.30 13.25 4.68
C VAL A 333 -4.19 14.74 4.28
N LEU A 334 -3.50 14.96 3.17
CA LEU A 334 -3.19 16.29 2.70
C LEU A 334 -4.30 16.91 1.85
N GLU A 335 -5.41 16.20 1.71
CA GLU A 335 -6.43 16.59 0.75
C GLU A 335 -6.91 18.04 0.94
N GLU A 336 -7.25 18.38 2.17
CA GLU A 336 -7.65 19.73 2.51
C GLU A 336 -6.53 20.74 2.18
N SER A 337 -5.31 20.39 2.56
CA SER A 337 -4.14 21.25 2.38
C SER A 337 -3.87 21.51 0.91
N ILE A 338 -4.10 20.49 0.11
CA ILE A 338 -3.87 20.56 -1.31
C ILE A 338 -4.85 21.54 -1.94
N SER A 339 -6.10 21.49 -1.49
CA SER A 339 -7.12 22.40 -2.00
C SER A 339 -6.77 23.85 -1.65
N VAL A 340 -6.31 24.10 -0.43
CA VAL A 340 -5.95 25.44 0.01
C VAL A 340 -4.73 25.97 -0.73
N VAL A 341 -3.68 25.16 -0.78
CA VAL A 341 -2.42 25.58 -1.38
C VAL A 341 -2.56 25.82 -2.88
N THR A 342 -3.26 24.93 -3.59
CA THR A 342 -3.36 25.08 -5.03
C THR A 342 -4.22 26.30 -5.38
N GLU A 343 -5.19 26.60 -4.53
CA GLU A 343 -6.02 27.77 -4.75
C GLU A 343 -5.20 29.05 -4.56
N GLU A 344 -4.31 29.07 -3.56
CA GLU A 344 -3.47 30.24 -3.32
C GLU A 344 -2.48 30.46 -4.46
N ARG A 345 -2.05 29.36 -5.05
CA ARG A 345 -0.94 29.36 -5.98
C ARG A 345 -1.40 29.55 -7.43
N TYR A 346 -2.57 29.00 -7.77
CA TYR A 346 -3.02 29.02 -9.16
C TYR A 346 -4.40 29.66 -9.36
N GLY A 347 -5.05 30.03 -8.26
CA GLY A 347 -6.41 30.53 -8.34
C GLY A 347 -7.41 29.40 -8.17
N ARG A 348 -8.66 29.76 -7.87
CA ARG A 348 -9.69 28.76 -7.55
C ARG A 348 -10.04 27.85 -8.74
N ASP A 349 -10.19 28.45 -9.91
CA ASP A 349 -10.60 27.71 -11.10
C ASP A 349 -9.64 26.56 -11.46
N ILE A 350 -8.34 26.86 -11.49
CA ILE A 350 -7.35 25.85 -11.80
C ILE A 350 -7.20 24.84 -10.66
N SER A 351 -7.39 25.31 -9.42
CA SER A 351 -7.32 24.42 -8.27
C SER A 351 -8.37 23.31 -8.37
N GLU A 352 -9.62 23.69 -8.61
CA GLU A 352 -10.73 22.73 -8.62
C GLU A 352 -10.70 21.78 -9.82
N SER A 353 -10.39 22.28 -11.02
CA SER A 353 -10.47 21.43 -12.20
C SER A 353 -9.16 20.68 -12.49
N ASN A 354 -8.04 21.23 -12.04
CA ASN A 354 -6.74 20.66 -12.41
C ASN A 354 -5.97 19.97 -11.28
N HIS A 355 -6.39 20.16 -10.03
CA HIS A 355 -5.68 19.50 -8.95
C HIS A 355 -6.66 18.64 -8.16
N ILE A 356 -6.70 17.36 -8.54
CA ILE A 356 -7.68 16.39 -8.06
C ILE A 356 -7.07 15.39 -7.06
N VAL A 357 -7.69 15.27 -5.90
CA VAL A 357 -7.30 14.24 -4.95
C VAL A 357 -8.21 13.06 -5.22
N ALA A 358 -7.62 11.89 -5.49
CA ALA A 358 -8.41 10.66 -5.71
C ALA A 358 -9.20 10.28 -4.46
N GLU A 359 -10.44 9.85 -4.67
CA GLU A 359 -11.16 9.11 -3.65
C GLU A 359 -10.50 7.74 -3.57
N ASP A 360 -10.47 7.14 -2.38
CA ASP A 360 -9.72 5.89 -2.18
C ASP A 360 -8.26 6.09 -2.49
N ALA A 361 -7.74 7.27 -2.16
CA ALA A 361 -6.35 7.62 -2.45
C ALA A 361 -5.38 6.61 -1.83
N ARG A 362 -5.60 6.23 -0.58
CA ARG A 362 -4.70 5.27 0.04
C ARG A 362 -4.73 3.89 -0.65
N LEU A 363 -5.87 3.51 -1.21
CA LEU A 363 -6.01 2.17 -1.77
C LEU A 363 -5.93 2.11 -3.30
N LEU A 364 -5.63 3.24 -3.94
CA LEU A 364 -5.72 3.31 -5.41
C LEU A 364 -4.81 2.31 -6.13
N ASN A 365 -3.56 2.18 -5.70
CA ASN A 365 -2.65 1.19 -6.30
C ASN A 365 -3.25 -0.23 -6.22
N LEU A 366 -3.65 -0.64 -5.01
CA LEU A 366 -4.30 -1.93 -4.78
C LEU A 366 -5.51 -2.14 -5.69
N TYR A 367 -6.32 -1.10 -5.81
CA TYR A 367 -7.53 -1.11 -6.60
C TYR A 367 -7.20 -1.26 -8.09
N GLY A 368 -6.09 -0.67 -8.49
CA GLY A 368 -5.60 -0.81 -9.84
C GLY A 368 -5.21 -2.25 -10.11
N LEU A 369 -4.56 -2.89 -9.14
CA LEU A 369 -4.30 -4.32 -9.25
C LEU A 369 -5.61 -5.09 -9.36
N GLU A 370 -6.58 -4.73 -8.53
CA GLU A 370 -7.83 -5.46 -8.51
C GLU A 370 -8.50 -5.44 -9.91
N VAL A 371 -8.57 -4.26 -10.52
CA VAL A 371 -9.08 -4.09 -11.87
C VAL A 371 -8.34 -4.98 -12.86
N LEU A 372 -7.01 -4.99 -12.78
CA LEU A 372 -6.24 -5.82 -13.70
C LEU A 372 -6.53 -7.31 -13.47
N SER A 373 -6.78 -7.70 -12.23
CA SER A 373 -6.97 -9.13 -11.95
C SER A 373 -8.36 -9.55 -12.42
N ARG A 374 -9.35 -8.65 -12.41
CA ARG A 374 -10.66 -8.99 -13.00
C ARG A 374 -10.59 -9.10 -14.52
N ALA A 375 -9.78 -8.27 -15.15
CA ALA A 375 -9.68 -8.32 -16.60
C ALA A 375 -8.96 -9.61 -16.98
N GLU A 376 -7.95 -9.95 -16.20
CA GLU A 376 -7.23 -11.19 -16.42
C GLU A 376 -8.15 -12.41 -16.24
N GLN A 377 -8.97 -12.38 -15.20
CA GLN A 377 -9.91 -13.45 -14.91
C GLN A 377 -10.95 -13.62 -16.02
N VAL A 378 -11.40 -12.50 -16.60
CA VAL A 378 -12.33 -12.55 -17.73
C VAL A 378 -11.65 -13.17 -18.96
N LYS A 379 -10.40 -12.76 -19.17
CA LYS A 379 -9.59 -13.23 -20.28
C LYS A 379 -9.37 -14.73 -20.20
N LYS A 380 -9.22 -15.23 -18.98
CA LYS A 380 -8.99 -16.64 -18.75
C LYS A 380 -10.23 -17.44 -19.13
N GLN A 381 -11.39 -17.02 -18.62
CA GLN A 381 -12.63 -17.75 -18.87
C GLN A 381 -13.01 -17.67 -20.35
N ALA A 382 -12.69 -16.57 -20.99
CA ALA A 382 -12.91 -16.41 -22.42
C ALA A 382 -12.08 -17.43 -23.20
N ASN A 383 -10.82 -17.56 -22.78
CA ASN A 383 -9.87 -18.47 -23.42
C ASN A 383 -10.27 -19.94 -23.24
N GLU A 384 -10.77 -20.28 -22.05
CA GLU A 384 -11.09 -21.66 -21.71
C GLU A 384 -12.36 -22.18 -22.40
N LYS A 385 -13.32 -21.29 -22.68
CA LYS A 385 -14.54 -21.73 -23.37
C LYS A 385 -14.32 -21.82 -24.88
N GLU A 386 -13.41 -21.01 -25.42
CA GLU A 386 -13.03 -21.14 -26.82
C GLU A 386 -12.28 -22.45 -27.03
N ALA A 387 -11.73 -22.97 -25.92
CA ALA A 387 -11.01 -24.23 -25.93
C ALA A 387 -11.90 -25.44 -26.20
N GLN A 388 -13.12 -25.22 -26.68
CA GLN A 388 -13.94 -26.30 -27.26
C GLN A 388 -14.61 -25.82 -28.54
#